data_4H1N
#
_entry.id   4H1N
#
_cell.length_a   91.385
_cell.length_b   91.385
_cell.length_c   152.286
_cell.angle_alpha   90.00
_cell.angle_beta   90.00
_cell.angle_gamma   120.00
#
_symmetry.space_group_name_H-M   'P 31 2 1'
#
loop_
_entity.id
_entity.type
_entity.pdbx_description
1 polymer 'Cytochrome P450 2B4'
2 non-polymer 'PROTOPORPHYRIN IX CONTAINING FE'
3 non-polymer 5-CYCLOHEXYL-1-PENTYL-BETA-D-MALTOSIDE
4 non-polymer Clopidogrel
5 non-polymer 'SULFATE ION'
6 water water
#
_entity_poly.entity_id   1
_entity_poly.type   'polypeptide(L)'
_entity_poly.pdbx_seq_one_letter_code
;MAKKTSSKGKLPPGPSPLPVLGNLLQMDRKGLLRSFLRLREKYGDVFTVYLGSRPVVVLCGTDAIREALVDQAEAFSGRG
KIAVVDPIFQGYGVIFANGERWRALRRFSLATMRDFGMGKRSVEERIQEEARCLVEELRKSKGALLDNTLLFHSITSNII
CSIVFGKRFDYKDPVFLRLLDLFFQSFSLISSFSSQVFELFSGFLKYFPGTHRQIYRNLQEINTFIGQSVEKHRATLDPS
NPRDFIDVYLLRMEKDKSDPSSEFHHQNLILTVLSLFAAGTETTSTTLRYGFLLMLKYPHVTERVQKEIEQVIGSHRPPA
LDDRAKMPYTDAVIHEIQRLGDLIPFGVPHTVTKDTQFRGYVIPKNTEVFPVLSSALHDPRYFETPNTFNPGHFLDANGA
LKRNEGFMPFSLGKRICLGEGIARTELFLFFTTILQNFSIASPVPPEDIDLTPRESGVGNVPPSYQIRFLARHHHHHHH
;
_entity_poly.pdbx_strand_id   A
#
loop_
_chem_comp.id
_chem_comp.type
_chem_comp.name
_chem_comp.formula
CGE non-polymer Clopidogrel 'C16 H16 Cl N O2 S'
CM5 non-polymer 5-CYCLOHEXYL-1-PENTYL-BETA-D-MALTOSIDE 'C23 H42 O11'
HEM non-polymer 'PROTOPORPHYRIN IX CONTAINING FE' 'C34 H32 Fe N4 O4'
SO4 non-polymer 'SULFATE ION' 'O4 S -2'
#
# COMPACT_ATOMS: atom_id res chain seq x y z
N LYS A 10 -18.42 -28.39 -5.78
CA LYS A 10 -16.95 -28.48 -6.05
C LYS A 10 -16.26 -27.11 -5.93
N LEU A 11 -17.05 -26.05 -5.98
CA LEU A 11 -16.58 -24.69 -5.65
C LEU A 11 -17.37 -24.15 -4.46
N PRO A 12 -16.76 -23.24 -3.67
CA PRO A 12 -17.47 -22.62 -2.54
C PRO A 12 -18.86 -22.11 -2.93
N PRO A 13 -19.85 -22.16 -2.01
CA PRO A 13 -21.24 -21.86 -2.35
C PRO A 13 -21.40 -20.50 -3.05
N GLY A 14 -21.76 -20.54 -4.32
CA GLY A 14 -21.92 -19.33 -5.13
C GLY A 14 -23.35 -19.05 -5.51
N PRO A 15 -23.70 -17.74 -5.68
CA PRO A 15 -25.03 -17.38 -6.17
C PRO A 15 -25.20 -17.68 -7.65
N SER A 16 -26.43 -18.00 -8.05
CA SER A 16 -26.76 -18.40 -9.42
C SER A 16 -26.40 -17.29 -10.43
N PRO A 17 -25.36 -17.54 -11.24
CA PRO A 17 -24.94 -16.51 -12.18
C PRO A 17 -25.71 -16.58 -13.50
N LEU A 18 -25.79 -15.43 -14.17
CA LEU A 18 -26.21 -15.38 -15.57
C LEU A 18 -24.95 -15.57 -16.42
N PRO A 19 -25.08 -16.22 -17.60
CA PRO A 19 -23.91 -16.33 -18.48
C PRO A 19 -23.45 -14.95 -18.97
N VAL A 20 -22.15 -14.81 -19.23
CA VAL A 20 -21.54 -13.54 -19.67
C VAL A 20 -21.57 -12.43 -18.60
N LEU A 21 -22.76 -12.12 -18.09
CA LEU A 21 -22.94 -11.03 -17.12
C LEU A 21 -22.47 -11.35 -15.70
N GLY A 22 -22.36 -12.64 -15.39
CA GLY A 22 -21.95 -13.11 -14.07
C GLY A 22 -22.95 -12.82 -12.96
N ASN A 23 -22.44 -12.55 -11.76
CA ASN A 23 -23.28 -12.27 -10.61
C ASN A 23 -23.63 -10.78 -10.47
N LEU A 24 -23.68 -10.07 -11.58
CA LEU A 24 -24.03 -8.64 -11.54
C LEU A 24 -25.21 -8.27 -10.63
N LEU A 25 -26.35 -8.92 -10.84
CA LEU A 25 -27.62 -8.58 -10.19
C LEU A 25 -27.66 -8.88 -8.69
N GLN A 26 -26.57 -9.44 -8.20
CA GLN A 26 -26.51 -9.68 -6.81
C GLN A 26 -25.47 -8.79 -6.21
N MET A 27 -24.80 -8.02 -7.05
CA MET A 27 -23.84 -7.07 -6.51
C MET A 27 -24.55 -5.89 -5.84
N ASP A 28 -23.81 -5.15 -5.01
CA ASP A 28 -24.29 -3.88 -4.48
C ASP A 28 -23.63 -2.75 -5.26
N ARG A 29 -24.40 -1.70 -5.54
CA ARG A 29 -23.92 -0.57 -6.33
C ARG A 29 -22.83 0.24 -5.61
N LYS A 30 -22.78 0.11 -4.28
CA LYS A 30 -21.88 0.92 -3.45
C LYS A 30 -20.40 0.58 -3.62
N GLY A 31 -20.11 -0.50 -4.34
CA GLY A 31 -18.72 -0.92 -4.60
C GLY A 31 -18.49 -2.41 -4.38
N LEU A 32 -17.46 -2.95 -5.00
CA LEU A 32 -17.15 -4.34 -4.85
C LEU A 32 -17.22 -4.69 -3.40
N LEU A 33 -16.31 -4.10 -2.66
CA LEU A 33 -16.13 -4.45 -1.24
C LEU A 33 -17.50 -4.64 -0.57
N ARG A 34 -18.36 -3.62 -0.62
CA ARG A 34 -19.70 -3.70 -0.06
C ARG A 34 -20.50 -4.86 -0.66
N SER A 35 -20.20 -5.18 -1.92
CA SER A 35 -20.79 -6.33 -2.60
C SER A 35 -20.35 -7.64 -1.94
N PHE A 36 -19.06 -7.76 -1.65
CA PHE A 36 -18.50 -8.95 -1.02
C PHE A 36 -19.06 -9.17 0.38
N LEU A 37 -19.15 -8.09 1.16
CA LEU A 37 -19.59 -8.18 2.55
C LEU A 37 -21.09 -8.50 2.68
N ARG A 38 -21.87 -8.06 1.70
CA ARG A 38 -23.30 -8.35 1.66
C ARG A 38 -23.54 -9.83 1.38
N LEU A 39 -22.70 -10.40 0.50
CA LEU A 39 -22.77 -11.82 0.17
C LEU A 39 -22.33 -12.70 1.34
N ARG A 40 -21.24 -12.32 2.01
CA ARG A 40 -20.71 -13.05 3.15
C ARG A 40 -21.79 -13.39 4.16
N GLU A 41 -22.68 -12.41 4.39
CA GLU A 41 -23.83 -12.57 5.26
C GLU A 41 -24.65 -13.81 4.93
N LYS A 42 -24.91 -14.02 3.64
CA LYS A 42 -25.72 -15.15 3.19
C LYS A 42 -24.91 -16.43 2.97
N TYR A 43 -23.72 -16.32 2.39
CA TYR A 43 -23.00 -17.49 1.87
C TYR A 43 -21.83 -17.99 2.73
N GLY A 44 -21.60 -17.37 3.89
CA GLY A 44 -20.55 -17.82 4.82
C GLY A 44 -19.20 -17.17 4.60
N ASP A 45 -18.22 -17.57 5.41
CA ASP A 45 -16.87 -16.99 5.40
C ASP A 45 -16.09 -17.15 4.08
N VAL A 46 -16.40 -18.19 3.31
CA VAL A 46 -15.75 -18.43 2.03
C VAL A 46 -16.80 -18.73 0.96
N PHE A 47 -16.88 -17.88 -0.05
CA PHE A 47 -17.85 -18.05 -1.13
C PHE A 47 -17.26 -17.78 -2.53
N THR A 48 -18.08 -18.01 -3.55
CA THR A 48 -17.68 -17.79 -4.94
C THR A 48 -18.64 -16.82 -5.64
N VAL A 49 -18.07 -15.82 -6.31
CA VAL A 49 -18.84 -14.85 -7.06
C VAL A 49 -18.35 -14.74 -8.50
N TYR A 50 -19.25 -14.44 -9.41
CA TYR A 50 -18.92 -14.35 -10.83
C TYR A 50 -18.76 -12.91 -11.30
N LEU A 51 -17.50 -12.50 -11.46
CA LEU A 51 -17.18 -11.20 -12.03
C LEU A 51 -17.12 -11.35 -13.55
N GLY A 52 -18.30 -11.35 -14.17
CA GLY A 52 -18.41 -11.53 -15.61
C GLY A 52 -18.49 -13.00 -15.99
N SER A 53 -17.44 -13.50 -16.64
CA SER A 53 -17.41 -14.90 -17.04
C SER A 53 -16.38 -15.70 -16.22
N ARG A 54 -15.52 -14.99 -15.48
CA ARG A 54 -14.54 -15.65 -14.62
C ARG A 54 -14.97 -15.62 -13.14
N PRO A 55 -14.89 -16.78 -12.46
CA PRO A 55 -15.30 -16.85 -11.06
C PRO A 55 -14.13 -16.54 -10.11
N VAL A 56 -14.42 -16.04 -8.91
CA VAL A 56 -13.36 -15.83 -7.94
C VAL A 56 -13.74 -16.21 -6.50
N VAL A 57 -12.93 -17.05 -5.85
CA VAL A 57 -13.13 -17.33 -4.43
C VAL A 57 -12.87 -16.10 -3.54
N VAL A 58 -13.78 -15.83 -2.61
CA VAL A 58 -13.65 -14.72 -1.65
C VAL A 58 -13.43 -15.26 -0.24
N LEU A 59 -12.44 -14.70 0.46
CA LEU A 59 -12.15 -15.11 1.83
C LEU A 59 -12.47 -14.00 2.83
N CYS A 60 -13.37 -14.29 3.76
CA CYS A 60 -13.75 -13.34 4.81
C CYS A 60 -13.42 -13.87 6.20
N GLY A 61 -12.96 -12.97 7.08
CA GLY A 61 -12.57 -13.36 8.43
C GLY A 61 -11.12 -13.76 8.51
N THR A 62 -10.52 -13.54 9.69
CA THR A 62 -9.11 -13.81 9.94
C THR A 62 -8.72 -15.26 9.65
N ASP A 63 -9.51 -16.20 10.15
CA ASP A 63 -9.19 -17.62 10.07
C ASP A 63 -9.11 -18.11 8.63
N ALA A 64 -10.12 -17.81 7.83
CA ALA A 64 -10.17 -18.21 6.42
C ALA A 64 -8.95 -17.73 5.64
N ILE A 65 -8.52 -16.50 5.91
CA ILE A 65 -7.37 -15.90 5.26
C ILE A 65 -6.07 -16.54 5.75
N ARG A 66 -6.00 -16.85 7.04
CA ARG A 66 -4.85 -17.54 7.61
C ARG A 66 -4.73 -18.98 7.10
N GLU A 67 -5.88 -19.65 7.01
CA GLU A 67 -5.97 -21.03 6.51
C GLU A 67 -5.47 -21.17 5.08
N ALA A 68 -5.73 -20.13 4.28
CA ALA A 68 -5.31 -20.12 2.88
C ALA A 68 -3.90 -19.58 2.71
N LEU A 69 -3.66 -18.36 3.20
CA LEU A 69 -2.42 -17.66 2.90
C LEU A 69 -1.20 -18.08 3.71
N VAL A 70 -1.44 -18.65 4.89
CA VAL A 70 -0.33 -19.08 5.76
C VAL A 70 -0.21 -20.60 5.81
N ASP A 71 -1.33 -21.25 6.07
CA ASP A 71 -1.39 -22.68 6.13
C ASP A 71 -1.32 -23.28 4.75
N GLN A 72 -1.91 -22.71 3.72
CA GLN A 72 -1.67 -23.28 2.42
C GLN A 72 -0.84 -22.31 1.65
N ALA A 73 0.14 -21.75 2.32
CA ALA A 73 0.89 -20.63 1.75
C ALA A 73 1.18 -20.58 0.25
N GLU A 74 1.83 -21.60 -0.28
CA GLU A 74 2.05 -21.74 -1.71
C GLU A 74 0.78 -21.86 -2.55
N ALA A 75 -0.07 -22.80 -2.22
CA ALA A 75 -1.32 -22.92 -2.95
C ALA A 75 -1.89 -21.53 -3.30
N PHE A 76 -1.82 -20.59 -2.36
CA PHE A 76 -2.40 -19.27 -2.55
C PHE A 76 -1.32 -18.20 -2.80
N SER A 77 -0.19 -18.59 -3.40
CA SER A 77 0.90 -17.65 -3.64
C SER A 77 0.81 -16.96 -5.02
N GLY A 78 -0.18 -17.27 -5.81
CA GLY A 78 -0.26 -16.77 -7.17
C GLY A 78 -0.86 -15.38 -7.24
N ARG A 79 -0.45 -14.61 -8.25
CA ARG A 79 -0.92 -13.24 -8.43
C ARG A 79 -1.95 -13.13 -9.55
N GLY A 80 -3.01 -12.36 -9.28
CA GLY A 80 -4.05 -12.08 -10.27
C GLY A 80 -3.83 -10.75 -10.95
N LYS A 81 -4.48 -10.56 -12.10
CA LYS A 81 -4.37 -9.31 -12.86
C LYS A 81 -5.35 -8.27 -12.32
N ILE A 82 -4.98 -6.99 -12.42
CA ILE A 82 -5.95 -5.90 -12.29
C ILE A 82 -6.14 -5.30 -13.70
N ALA A 83 -7.30 -5.57 -14.29
CA ALA A 83 -7.59 -5.26 -15.69
C ALA A 83 -7.18 -3.86 -16.14
N VAL A 84 -7.24 -2.91 -15.21
CA VAL A 84 -7.01 -1.50 -15.52
C VAL A 84 -5.53 -1.15 -15.65
N VAL A 85 -4.66 -2.05 -15.18
CA VAL A 85 -3.20 -1.84 -15.27
C VAL A 85 -2.48 -2.98 -15.97
N ASP A 86 -3.18 -4.09 -16.19
CA ASP A 86 -2.60 -5.27 -16.84
C ASP A 86 -2.05 -4.99 -18.24
N PRO A 87 -2.72 -4.12 -19.04
CA PRO A 87 -2.11 -3.70 -20.29
C PRO A 87 -0.70 -3.13 -20.12
N ILE A 88 -0.48 -2.43 -18.98
CA ILE A 88 0.82 -1.83 -18.69
C ILE A 88 1.83 -2.85 -18.18
N PHE A 89 1.26 -3.83 -17.38
CA PHE A 89 2.22 -4.75 -16.71
C PHE A 89 2.42 -6.10 -17.39
N GLN A 90 1.38 -6.61 -18.04
CA GLN A 90 1.47 -7.87 -18.78
C GLN A 90 2.20 -8.96 -18.00
N GLY A 91 2.07 -8.96 -16.67
CA GLY A 91 2.66 -9.99 -15.82
C GLY A 91 4.16 -9.98 -15.66
N TYR A 92 4.76 -8.81 -15.94
CA TYR A 92 6.18 -8.54 -15.69
C TYR A 92 6.26 -7.59 -14.49
N GLY A 93 7.40 -7.57 -13.80
CA GLY A 93 7.57 -6.76 -12.59
C GLY A 93 7.17 -7.48 -11.30
N VAL A 94 7.70 -7.00 -10.18
CA VAL A 94 7.59 -7.67 -8.88
C VAL A 94 6.17 -7.98 -8.40
N ILE A 95 5.26 -7.03 -8.54
CA ILE A 95 3.91 -7.20 -8.00
C ILE A 95 3.11 -8.27 -8.77
N PHE A 96 3.16 -8.19 -10.11
CA PHE A 96 2.23 -8.94 -10.95
C PHE A 96 2.81 -10.17 -11.65
N ALA A 97 4.06 -10.49 -11.33
CA ALA A 97 4.68 -11.71 -11.84
C ALA A 97 4.12 -12.96 -11.15
N ASN A 98 4.32 -14.11 -11.77
CA ASN A 98 3.99 -15.40 -11.19
C ASN A 98 5.16 -16.35 -11.32
N GLY A 99 5.02 -17.57 -10.81
CA GLY A 99 6.03 -18.61 -10.93
C GLY A 99 7.47 -18.18 -10.67
N GLU A 100 8.37 -18.64 -11.52
CA GLU A 100 9.80 -18.33 -11.38
C GLU A 100 10.10 -16.84 -11.53
N ARG A 101 9.36 -16.17 -12.42
CA ARG A 101 9.53 -14.74 -12.64
C ARG A 101 9.37 -13.96 -11.34
N TRP A 102 8.30 -14.24 -10.61
CA TRP A 102 8.04 -13.59 -9.33
C TRP A 102 9.07 -13.95 -8.27
N ARG A 103 9.39 -15.24 -8.16
CA ARG A 103 10.34 -15.71 -7.14
C ARG A 103 11.72 -15.09 -7.29
N ALA A 104 12.27 -15.13 -8.51
CA ALA A 104 13.59 -14.56 -8.78
C ALA A 104 13.64 -13.06 -8.49
N LEU A 105 12.58 -12.35 -8.88
CA LEU A 105 12.50 -10.89 -8.71
C LEU A 105 12.35 -10.45 -7.26
N ARG A 106 11.47 -11.12 -6.52
CA ARG A 106 11.28 -10.86 -5.10
C ARG A 106 12.57 -11.14 -4.32
N ARG A 107 13.19 -12.30 -4.61
CA ARG A 107 14.48 -12.66 -4.03
C ARG A 107 15.49 -11.53 -4.27
N PHE A 108 15.48 -10.98 -5.48
CA PHE A 108 16.36 -9.87 -5.82
C PHE A 108 15.95 -8.56 -5.13
N SER A 109 14.66 -8.24 -5.15
CA SER A 109 14.14 -6.99 -4.60
C SER A 109 14.40 -6.90 -3.09
N LEU A 110 13.98 -7.96 -2.38
CA LEU A 110 14.07 -8.04 -0.92
C LEU A 110 15.51 -7.79 -0.45
N ALA A 111 16.45 -8.45 -1.11
CA ALA A 111 17.86 -8.37 -0.76
C ALA A 111 18.47 -7.01 -1.05
N THR A 112 18.06 -6.40 -2.16
CA THR A 112 18.67 -5.15 -2.63
C THR A 112 18.27 -3.95 -1.78
N MET A 113 16.99 -3.84 -1.42
CA MET A 113 16.54 -2.74 -0.58
C MET A 113 17.27 -2.79 0.75
N ARG A 114 17.70 -4.00 1.09
CA ARG A 114 18.47 -4.29 2.29
C ARG A 114 19.88 -3.85 1.95
N ASP A 115 20.14 -2.56 2.14
CA ASP A 115 21.46 -2.00 1.85
C ASP A 115 21.45 -0.48 1.96
N GLY A 119 22.32 6.46 -1.17
CA GLY A 119 23.53 7.22 -0.93
C GLY A 119 24.43 6.56 0.10
N LYS A 120 24.44 5.16 0.19
CA LYS A 120 25.34 4.43 1.14
C LYS A 120 24.88 4.74 2.56
N ARG A 121 23.82 5.52 2.78
CA ARG A 121 23.30 5.78 4.11
C ARG A 121 22.06 4.92 4.28
N SER A 122 21.92 4.10 5.28
CA SER A 122 20.86 3.10 5.44
C SER A 122 19.47 3.69 5.25
N VAL A 123 18.50 2.82 4.98
CA VAL A 123 17.10 3.22 4.78
C VAL A 123 16.58 4.12 5.91
N GLU A 124 16.94 3.78 7.14
CA GLU A 124 16.56 4.58 8.31
C GLU A 124 17.02 6.04 8.17
N GLU A 125 18.30 6.21 7.84
CA GLU A 125 18.88 7.55 7.75
C GLU A 125 18.27 8.39 6.63
N ARG A 126 17.99 7.77 5.50
CA ARG A 126 17.33 8.45 4.39
C ARG A 126 15.93 8.93 4.78
N ILE A 127 15.24 8.14 5.61
CA ILE A 127 13.91 8.50 6.10
C ILE A 127 14.00 9.61 7.15
N GLN A 128 15.00 9.51 8.04
CA GLN A 128 15.29 10.55 9.03
C GLN A 128 15.58 11.86 8.33
N GLU A 129 16.41 11.78 7.29
CA GLU A 129 16.81 12.93 6.49
C GLU A 129 15.60 13.55 5.81
N GLU A 130 14.82 12.71 5.12
CA GLU A 130 13.61 13.17 4.44
C GLU A 130 12.65 13.87 5.42
N ALA A 131 12.57 13.33 6.64
CA ALA A 131 11.74 13.92 7.69
C ALA A 131 12.21 15.33 8.06
N ARG A 132 13.53 15.53 8.14
CA ARG A 132 14.10 16.85 8.44
C ARG A 132 13.72 17.88 7.37
N CYS A 133 13.71 17.44 6.11
CA CYS A 133 13.27 18.28 5.00
C CYS A 133 11.83 18.69 5.20
N LEU A 134 10.96 17.72 5.50
CA LEU A 134 9.55 17.99 5.75
C LEU A 134 9.35 18.99 6.89
N VAL A 135 10.09 18.81 7.97
CA VAL A 135 10.06 19.72 9.12
C VAL A 135 10.50 21.13 8.73
N GLU A 136 11.55 21.23 7.92
CA GLU A 136 12.01 22.52 7.42
C GLU A 136 10.97 23.14 6.47
N GLU A 137 10.31 22.30 5.68
CA GLU A 137 9.29 22.76 4.75
C GLU A 137 8.07 23.28 5.47
N LEU A 138 7.63 22.56 6.51
CA LEU A 138 6.40 22.91 7.23
C LEU A 138 6.52 24.19 8.05
N ARG A 139 7.73 24.53 8.46
CA ARG A 139 8.00 25.80 9.13
C ARG A 139 7.73 27.00 8.23
N LYS A 140 8.02 26.83 6.94
CA LYS A 140 7.87 27.90 5.95
C LYS A 140 6.42 28.38 5.79
N SER A 141 5.48 27.43 5.83
CA SER A 141 4.05 27.75 5.82
C SER A 141 3.70 28.65 7.01
N LYS A 142 4.60 28.70 7.99
CA LYS A 142 4.51 29.56 9.17
C LYS A 142 3.12 29.60 9.83
N GLY A 143 2.41 28.47 9.75
CA GLY A 143 1.14 28.30 10.44
C GLY A 143 -0.09 28.33 9.55
N ALA A 144 0.12 28.47 8.24
CA ALA A 144 -0.98 28.65 7.29
C ALA A 144 -1.80 27.38 7.11
N LEU A 145 -3.07 27.55 6.70
CA LEU A 145 -3.90 26.41 6.31
C LEU A 145 -3.26 25.73 5.12
N LEU A 146 -3.33 24.41 5.11
CA LEU A 146 -2.61 23.61 4.15
C LEU A 146 -3.36 22.31 3.96
N ASP A 147 -3.24 21.73 2.77
CA ASP A 147 -3.79 20.40 2.49
C ASP A 147 -2.61 19.48 2.27
N ASN A 148 -2.37 18.59 3.22
CA ASN A 148 -1.12 17.81 3.31
C ASN A 148 -0.91 16.74 2.25
N THR A 149 -1.94 16.50 1.45
CA THR A 149 -1.82 15.66 0.26
C THR A 149 -0.48 15.80 -0.47
N LEU A 150 -0.22 16.96 -1.08
CA LEU A 150 1.00 17.11 -1.84
C LEU A 150 2.28 16.81 -1.06
N LEU A 151 2.41 17.34 0.15
CA LEU A 151 3.58 17.04 0.99
C LEU A 151 3.80 15.54 1.31
N PHE A 152 2.72 14.80 1.54
CA PHE A 152 2.79 13.42 2.00
C PHE A 152 3.13 12.46 0.86
N HIS A 153 2.52 12.69 -0.31
CA HIS A 153 2.91 11.98 -1.52
C HIS A 153 4.37 12.25 -1.89
N SER A 154 4.83 13.46 -1.57
CA SER A 154 6.18 13.90 -1.91
C SER A 154 7.25 13.22 -1.06
N ILE A 155 6.99 13.06 0.23
CA ILE A 155 8.00 12.46 1.13
C ILE A 155 8.17 10.97 0.89
N THR A 156 7.04 10.27 0.72
CA THR A 156 7.04 8.83 0.50
C THR A 156 7.73 8.49 -0.82
N SER A 157 7.47 9.32 -1.83
CA SER A 157 8.07 9.15 -3.16
C SER A 157 9.58 9.34 -3.12
N ASN A 158 10.03 10.33 -2.37
CA ASN A 158 11.46 10.57 -2.21
C ASN A 158 12.22 9.35 -1.68
N ILE A 159 11.57 8.55 -0.83
CA ILE A 159 12.19 7.36 -0.27
C ILE A 159 12.42 6.32 -1.37
N ILE A 160 11.37 6.05 -2.15
CA ILE A 160 11.47 5.16 -3.30
C ILE A 160 12.52 5.71 -4.27
N CYS A 161 12.40 6.99 -4.60
CA CYS A 161 13.36 7.70 -5.44
C CYS A 161 14.80 7.55 -4.95
N SER A 162 14.99 7.60 -3.63
CA SER A 162 16.31 7.48 -3.04
C SER A 162 16.83 6.03 -3.13
N ILE A 163 15.90 5.09 -3.17
CA ILE A 163 16.25 3.68 -3.28
C ILE A 163 16.60 3.33 -4.73
N VAL A 164 15.77 3.78 -5.67
CA VAL A 164 15.92 3.39 -7.08
C VAL A 164 16.73 4.35 -7.93
N PHE A 165 16.53 5.65 -7.77
CA PHE A 165 17.25 6.65 -8.57
C PHE A 165 18.54 7.16 -7.92
N GLY A 166 18.67 6.96 -6.60
CA GLY A 166 19.85 7.43 -5.89
C GLY A 166 19.84 8.93 -5.64
N LYS A 167 18.64 9.51 -5.56
CA LYS A 167 18.49 10.93 -5.24
C LYS A 167 17.06 11.26 -4.78
N ARG A 168 16.89 12.50 -4.33
CA ARG A 168 15.58 13.01 -3.92
C ARG A 168 15.32 14.36 -4.58
N PHE A 169 14.05 14.74 -4.68
CA PHE A 169 13.67 16.00 -5.32
C PHE A 169 13.05 16.98 -4.34
N ASP A 170 13.34 18.27 -4.52
CA ASP A 170 12.73 19.33 -3.71
C ASP A 170 11.22 19.39 -3.95
N TYR A 171 10.49 19.83 -2.93
CA TYR A 171 9.03 19.87 -3.00
C TYR A 171 8.51 20.93 -3.98
N LYS A 172 9.25 22.03 -4.12
CA LYS A 172 8.85 23.11 -5.02
C LYS A 172 9.15 22.81 -6.50
N ASP A 173 10.06 21.87 -6.74
CA ASP A 173 10.48 21.44 -8.09
C ASP A 173 9.28 21.20 -9.02
N PRO A 174 9.24 21.93 -10.15
CA PRO A 174 8.10 21.87 -11.08
C PRO A 174 7.97 20.55 -11.83
N VAL A 175 9.08 19.97 -12.28
CA VAL A 175 9.01 18.74 -13.11
C VAL A 175 8.63 17.52 -12.27
N PHE A 176 9.29 17.38 -11.12
CA PHE A 176 8.94 16.37 -10.12
C PHE A 176 7.43 16.36 -9.89
N LEU A 177 6.90 17.50 -9.48
CA LEU A 177 5.47 17.65 -9.17
C LEU A 177 4.52 17.21 -10.28
N ARG A 178 4.90 17.42 -11.53
CA ARG A 178 4.04 17.05 -12.66
C ARG A 178 3.93 15.55 -12.88
N LEU A 179 5.07 14.86 -12.89
CA LEU A 179 5.07 13.41 -13.00
C LEU A 179 4.34 12.84 -11.80
N LEU A 180 4.62 13.40 -10.63
CA LEU A 180 3.94 13.06 -9.39
C LEU A 180 2.42 13.25 -9.55
N ASP A 181 2.00 14.44 -10.00
CA ASP A 181 0.59 14.75 -10.25
C ASP A 181 -0.11 13.67 -11.05
N LEU A 182 0.45 13.33 -12.21
CA LEU A 182 -0.17 12.36 -13.10
C LEU A 182 -0.02 10.92 -12.60
N PHE A 183 0.97 10.68 -11.73
CA PHE A 183 1.12 9.39 -11.09
C PHE A 183 -0.02 9.09 -10.12
N PHE A 184 -0.35 10.08 -9.28
CA PHE A 184 -1.38 9.90 -8.27
C PHE A 184 -2.78 10.13 -8.81
N GLN A 185 -2.87 10.78 -9.97
CA GLN A 185 -4.14 10.88 -10.71
C GLN A 185 -4.52 9.50 -11.22
N SER A 186 -3.50 8.71 -11.55
CA SER A 186 -3.70 7.34 -12.03
C SER A 186 -4.32 6.47 -10.96
N PHE A 187 -3.77 6.55 -9.74
CA PHE A 187 -4.30 5.76 -8.64
C PHE A 187 -5.76 6.10 -8.37
N SER A 188 -6.06 7.39 -8.27
CA SER A 188 -7.41 7.86 -8.02
C SER A 188 -8.37 7.33 -9.07
N LEU A 189 -7.84 7.10 -10.27
CA LEU A 189 -8.62 6.55 -11.36
C LEU A 189 -8.69 5.03 -11.28
N ILE A 190 -7.65 4.41 -10.73
CA ILE A 190 -7.64 2.96 -10.50
C ILE A 190 -8.63 2.58 -9.40
N SER A 191 -8.73 3.43 -8.38
CA SER A 191 -9.67 3.23 -7.28
C SER A 191 -11.10 3.66 -7.62
N SER A 192 -11.28 4.30 -8.78
CA SER A 192 -12.59 4.79 -9.20
C SER A 192 -13.60 3.66 -9.40
N PHE A 193 -14.88 3.99 -9.20
CA PHE A 193 -16.00 3.10 -9.49
C PHE A 193 -15.97 2.64 -10.95
N SER A 194 -15.41 3.49 -11.80
CA SER A 194 -15.26 3.23 -13.23
C SER A 194 -14.24 2.11 -13.49
N SER A 195 -13.19 2.07 -12.68
CA SER A 195 -12.18 1.01 -12.78
C SER A 195 -12.71 -0.32 -12.29
N GLN A 196 -13.64 -0.28 -11.34
CA GLN A 196 -14.27 -1.49 -10.83
C GLN A 196 -15.24 -2.09 -11.86
N VAL A 197 -16.02 -1.23 -12.51
CA VAL A 197 -16.91 -1.66 -13.59
C VAL A 197 -16.06 -2.27 -14.71
N PHE A 198 -14.92 -1.64 -14.98
CA PHE A 198 -13.98 -2.12 -16.00
C PHE A 198 -13.44 -3.50 -15.68
N GLU A 199 -13.23 -3.78 -14.39
CA GLU A 199 -12.72 -5.08 -13.96
C GLU A 199 -13.64 -6.20 -14.45
N LEU A 200 -14.94 -6.03 -14.23
CA LEU A 200 -15.95 -7.01 -14.64
C LEU A 200 -16.01 -7.23 -16.16
N PHE A 201 -16.03 -6.15 -16.94
CA PHE A 201 -16.29 -6.25 -18.37
C PHE A 201 -15.20 -5.69 -19.29
N SER A 202 -13.95 -5.75 -18.84
CA SER A 202 -12.81 -5.21 -19.59
C SER A 202 -12.75 -5.68 -21.05
N GLY A 203 -13.12 -6.93 -21.28
CA GLY A 203 -13.07 -7.55 -22.62
C GLY A 203 -13.93 -6.85 -23.65
N PHE A 204 -14.98 -6.18 -23.18
CA PHE A 204 -15.88 -5.41 -24.03
C PHE A 204 -15.47 -3.94 -24.04
N LEU A 205 -15.09 -3.43 -22.88
CA LEU A 205 -14.85 -1.99 -22.66
C LEU A 205 -13.45 -1.46 -23.03
N LYS A 206 -12.59 -2.31 -23.58
CA LYS A 206 -11.26 -1.88 -23.99
C LYS A 206 -11.23 -1.27 -25.38
N TYR A 207 -12.38 -1.33 -26.08
CA TYR A 207 -12.52 -0.72 -27.40
C TYR A 207 -13.23 0.63 -27.32
N PHE A 208 -13.77 0.93 -26.14
CA PHE A 208 -14.43 2.20 -25.87
C PHE A 208 -13.49 3.18 -25.17
N PRO A 209 -13.76 4.50 -25.29
CA PRO A 209 -13.05 5.43 -24.43
C PRO A 209 -13.55 5.32 -23.00
N GLY A 210 -12.63 5.45 -22.05
CA GLY A 210 -12.93 5.33 -20.64
C GLY A 210 -11.68 5.62 -19.84
N THR A 211 -11.80 5.53 -18.51
CA THR A 211 -10.68 5.87 -17.63
C THR A 211 -9.44 5.02 -17.89
N HIS A 212 -9.63 3.81 -18.40
CA HIS A 212 -8.51 2.91 -18.68
C HIS A 212 -7.47 3.50 -19.64
N ARG A 213 -7.93 4.30 -20.61
CA ARG A 213 -7.02 4.95 -21.56
C ARG A 213 -6.21 6.07 -20.92
N GLN A 214 -6.81 6.77 -19.96
CA GLN A 214 -6.10 7.79 -19.21
C GLN A 214 -5.06 7.17 -18.29
N ILE A 215 -5.42 6.03 -17.69
CA ILE A 215 -4.52 5.29 -16.82
C ILE A 215 -3.33 4.76 -17.63
N TYR A 216 -3.64 4.29 -18.84
CA TYR A 216 -2.63 3.78 -19.76
C TYR A 216 -1.61 4.84 -20.19
N ARG A 217 -2.08 6.04 -20.53
CA ARG A 217 -1.18 7.11 -20.97
C ARG A 217 -0.37 7.71 -19.81
N ASN A 218 -1.02 7.87 -18.67
CA ASN A 218 -0.36 8.41 -17.50
C ASN A 218 0.81 7.53 -17.06
N LEU A 219 0.61 6.22 -17.08
CA LEU A 219 1.67 5.29 -16.66
C LEU A 219 2.77 5.13 -17.72
N GLN A 220 2.39 4.95 -18.98
CA GLN A 220 3.37 4.88 -20.08
C GLN A 220 4.29 6.09 -20.11
N GLU A 221 3.75 7.26 -19.74
CA GLU A 221 4.57 8.46 -19.62
C GLU A 221 5.55 8.39 -18.45
N ILE A 222 5.12 7.83 -17.32
CA ILE A 222 6.00 7.61 -16.17
C ILE A 222 7.13 6.66 -16.56
N ASN A 223 6.76 5.55 -17.21
CA ASN A 223 7.72 4.58 -17.71
C ASN A 223 8.78 5.21 -18.62
N THR A 224 8.38 6.18 -19.42
CA THR A 224 9.30 6.91 -20.29
C THR A 224 10.41 7.56 -19.45
N PHE A 225 10.01 8.29 -18.42
CA PHE A 225 11.00 8.91 -17.55
C PHE A 225 11.86 7.87 -16.85
N ILE A 226 11.25 6.77 -16.43
CA ILE A 226 12.01 5.68 -15.82
C ILE A 226 13.08 5.21 -16.80
N GLY A 227 12.67 4.85 -18.02
CA GLY A 227 13.58 4.41 -19.07
C GLY A 227 14.76 5.35 -19.26
N GLN A 228 14.47 6.65 -19.36
CA GLN A 228 15.50 7.67 -19.52
C GLN A 228 16.49 7.61 -18.39
N SER A 229 16.00 7.45 -17.16
CA SER A 229 16.84 7.36 -15.97
C SER A 229 17.73 6.11 -16.01
N VAL A 230 17.18 5.01 -16.53
CA VAL A 230 17.95 3.79 -16.77
C VAL A 230 19.15 4.06 -17.67
N GLU A 231 18.90 4.62 -18.85
CA GLU A 231 19.96 4.97 -19.80
C GLU A 231 21.03 5.85 -19.17
N LYS A 232 20.60 6.95 -18.55
CA LYS A 232 21.51 7.90 -17.90
C LYS A 232 22.36 7.19 -16.84
N HIS A 233 21.73 6.27 -16.12
CA HIS A 233 22.41 5.45 -15.12
C HIS A 233 23.44 4.54 -15.78
N ARG A 234 23.01 3.84 -16.83
CA ARG A 234 23.86 2.93 -17.62
C ARG A 234 25.12 3.62 -18.17
N ALA A 235 24.97 4.87 -18.60
CA ALA A 235 26.05 5.66 -19.18
C ALA A 235 27.04 6.16 -18.13
N THR A 236 26.60 6.23 -16.88
CA THR A 236 27.40 6.78 -15.80
C THR A 236 27.89 5.68 -14.86
N LEU A 237 27.37 4.47 -15.08
CA LEU A 237 27.58 3.32 -14.21
C LEU A 237 29.03 3.12 -13.80
N ASP A 238 29.23 2.85 -12.51
CA ASP A 238 30.50 2.39 -11.99
C ASP A 238 30.30 1.04 -11.28
N PRO A 239 30.61 -0.08 -11.97
CA PRO A 239 30.37 -1.44 -11.47
C PRO A 239 30.99 -1.71 -10.09
N SER A 240 32.17 -1.16 -9.84
CA SER A 240 32.85 -1.34 -8.55
C SER A 240 32.09 -0.67 -7.41
N ASN A 241 31.30 0.35 -7.74
CA ASN A 241 30.70 1.20 -6.71
C ASN A 241 29.22 1.60 -6.93
N PRO A 242 28.30 0.62 -6.94
CA PRO A 242 26.87 0.85 -7.20
C PRO A 242 26.24 1.92 -6.31
N ARG A 243 25.13 2.51 -6.77
CA ARG A 243 24.55 3.67 -6.09
C ARG A 243 23.08 3.49 -5.68
N ASP A 244 22.36 2.60 -6.37
CA ASP A 244 20.92 2.41 -6.16
C ASP A 244 20.40 1.13 -6.79
N PHE A 245 19.10 0.90 -6.65
CA PHE A 245 18.45 -0.31 -7.15
C PHE A 245 18.72 -0.57 -8.63
N ILE A 246 18.70 0.48 -9.45
CA ILE A 246 18.91 0.33 -10.90
C ILE A 246 20.37 -0.03 -11.24
N ASP A 247 21.32 0.71 -10.66
CA ASP A 247 22.75 0.40 -10.80
C ASP A 247 23.01 -1.09 -10.53
N VAL A 248 22.40 -1.60 -9.47
CA VAL A 248 22.51 -3.02 -9.12
C VAL A 248 21.92 -3.89 -10.22
N TYR A 249 20.63 -3.70 -10.50
CA TYR A 249 19.92 -4.45 -11.54
C TYR A 249 20.71 -4.51 -12.85
N LEU A 250 21.31 -3.38 -13.23
CA LEU A 250 22.10 -3.32 -14.45
C LEU A 250 23.26 -4.31 -14.45
N LEU A 251 23.92 -4.44 -13.30
CA LEU A 251 25.08 -5.33 -13.15
C LEU A 251 24.69 -6.79 -13.12
N ARG A 252 23.46 -7.08 -12.69
CA ARG A 252 22.90 -8.42 -12.75
C ARG A 252 22.50 -8.78 -14.18
N MET A 253 22.18 -7.77 -14.99
CA MET A 253 21.89 -7.97 -16.41
C MET A 253 23.13 -8.41 -17.18
N GLU A 254 24.22 -7.66 -16.98
CA GLU A 254 25.52 -7.98 -17.58
C GLU A 254 25.97 -9.39 -17.16
N LYS A 255 25.79 -9.68 -15.87
CA LYS A 255 26.07 -11.01 -15.32
C LYS A 255 25.36 -12.10 -16.13
N ASP A 256 24.09 -11.87 -16.44
CA ASP A 256 23.24 -12.85 -17.10
C ASP A 256 23.17 -12.66 -18.61
N LYS A 257 24.21 -12.05 -19.19
CA LYS A 257 24.28 -11.80 -20.64
C LYS A 257 24.20 -13.09 -21.47
N SER A 258 24.78 -14.17 -20.91
CA SER A 258 24.85 -15.48 -21.57
C SER A 258 23.50 -16.22 -21.61
N ASP A 259 22.60 -15.89 -20.69
CA ASP A 259 21.35 -16.63 -20.53
C ASP A 259 20.10 -15.89 -21.03
N PRO A 260 19.43 -16.44 -22.05
CA PRO A 260 18.14 -15.93 -22.52
C PRO A 260 16.96 -16.36 -21.63
N SER A 261 17.12 -17.47 -20.91
CA SER A 261 16.09 -17.97 -20.00
C SER A 261 16.01 -17.16 -18.70
N SER A 262 16.97 -16.25 -18.51
CA SER A 262 17.01 -15.37 -17.35
C SER A 262 15.89 -14.33 -17.37
N GLU A 263 15.48 -13.90 -16.17
CA GLU A 263 14.39 -12.94 -16.01
C GLU A 263 14.87 -11.49 -15.98
N PHE A 264 16.17 -11.31 -15.79
CA PHE A 264 16.72 -9.97 -15.59
C PHE A 264 17.04 -9.24 -16.89
N HIS A 265 15.97 -8.85 -17.59
CA HIS A 265 16.09 -8.05 -18.81
C HIS A 265 15.49 -6.65 -18.64
N HIS A 266 15.41 -5.89 -19.74
CA HIS A 266 14.98 -4.50 -19.71
C HIS A 266 13.54 -4.34 -19.24
N GLN A 267 12.64 -5.13 -19.82
CA GLN A 267 11.20 -5.00 -19.55
C GLN A 267 10.86 -5.21 -18.07
N ASN A 268 11.54 -6.14 -17.43
CA ASN A 268 11.36 -6.39 -16.01
C ASN A 268 11.94 -5.29 -15.13
N LEU A 269 13.02 -4.65 -15.59
CA LEU A 269 13.60 -3.52 -14.88
C LEU A 269 12.61 -2.36 -14.79
N ILE A 270 11.98 -2.04 -15.91
CA ILE A 270 11.07 -0.90 -16.02
C ILE A 270 9.83 -1.07 -15.15
N LEU A 271 9.14 -2.19 -15.33
CA LEU A 271 7.91 -2.45 -14.59
C LEU A 271 8.14 -2.76 -13.12
N THR A 272 9.36 -3.14 -12.77
CA THR A 272 9.74 -3.33 -11.38
C THR A 272 9.86 -1.97 -10.71
N VAL A 273 10.64 -1.07 -11.31
CA VAL A 273 10.75 0.30 -10.81
C VAL A 273 9.38 0.97 -10.72
N LEU A 274 8.51 0.71 -11.71
CA LEU A 274 7.15 1.20 -11.66
C LEU A 274 6.43 0.58 -10.48
N SER A 275 6.62 -0.72 -10.31
CA SER A 275 5.99 -1.46 -9.22
C SER A 275 6.37 -0.89 -7.85
N LEU A 276 7.65 -0.60 -7.64
CA LEU A 276 8.11 -0.06 -6.36
C LEU A 276 7.46 1.26 -5.99
N PHE A 277 7.23 2.11 -6.99
CA PHE A 277 6.52 3.37 -6.77
C PHE A 277 5.03 3.12 -6.58
N ALA A 278 4.49 2.20 -7.35
CA ALA A 278 3.07 1.85 -7.26
C ALA A 278 2.69 1.43 -5.84
N ALA A 279 3.52 0.59 -5.22
CA ALA A 279 3.25 0.07 -3.89
C ALA A 279 3.86 0.93 -2.79
N GLY A 280 5.07 1.42 -3.01
CA GLY A 280 5.81 2.14 -2.00
C GLY A 280 5.33 3.51 -1.58
N THR A 281 4.52 4.16 -2.41
CA THR A 281 4.15 5.56 -2.17
C THR A 281 2.70 5.77 -1.77
N GLU A 282 1.77 5.28 -2.58
CA GLU A 282 0.37 5.64 -2.42
C GLU A 282 -0.22 5.28 -1.07
N THR A 283 -0.10 4.02 -0.67
CA THR A 283 -0.67 3.53 0.60
C THR A 283 0.02 4.14 1.82
N THR A 284 1.34 4.24 1.77
CA THR A 284 2.13 4.87 2.83
C THR A 284 1.74 6.35 3.01
N SER A 285 1.37 7.00 1.91
CA SER A 285 0.97 8.40 1.94
C SER A 285 -0.37 8.58 2.63
N THR A 286 -1.34 7.81 2.14
CA THR A 286 -2.69 7.91 2.60
C THR A 286 -2.81 7.55 4.08
N THR A 287 -1.91 6.69 4.56
CA THR A 287 -1.92 6.34 5.99
C THR A 287 -1.58 7.56 6.83
N LEU A 288 -0.49 8.24 6.49
CA LEU A 288 -0.12 9.46 7.20
C LEU A 288 -1.25 10.50 7.13
N ARG A 289 -1.89 10.59 5.96
CA ARG A 289 -2.95 11.55 5.77
C ARG A 289 -4.17 11.17 6.60
N TYR A 290 -4.48 9.88 6.66
CA TYR A 290 -5.59 9.41 7.47
C TYR A 290 -5.25 9.53 8.96
N GLY A 291 -3.99 9.27 9.28
CA GLY A 291 -3.49 9.36 10.65
C GLY A 291 -3.69 10.74 11.24
N PHE A 292 -3.24 11.75 10.51
CA PHE A 292 -3.41 13.13 10.96
C PHE A 292 -4.87 13.55 10.97
N LEU A 293 -5.64 13.08 10.00
CA LEU A 293 -7.08 13.28 10.01
C LEU A 293 -7.64 12.79 11.33
N LEU A 294 -7.27 11.58 11.73
CA LEU A 294 -7.71 11.00 12.99
C LEU A 294 -7.18 11.78 14.19
N MET A 295 -5.94 12.24 14.09
CA MET A 295 -5.31 12.95 15.18
C MET A 295 -5.90 14.35 15.40
N LEU A 296 -6.52 14.89 14.35
CA LEU A 296 -7.27 16.12 14.47
C LEU A 296 -8.56 15.90 15.25
N LYS A 297 -9.19 14.75 15.01
CA LYS A 297 -10.47 14.40 15.65
C LYS A 297 -10.32 14.04 17.13
N TYR A 298 -9.14 13.57 17.53
CA TYR A 298 -8.92 13.13 18.92
C TYR A 298 -7.69 13.76 19.57
N PRO A 299 -7.80 15.05 19.93
CA PRO A 299 -6.72 15.77 20.61
C PRO A 299 -6.15 15.05 21.82
N HIS A 300 -7.00 14.33 22.56
CA HIS A 300 -6.55 13.66 23.78
C HIS A 300 -5.51 12.58 23.47
N VAL A 301 -5.67 11.91 22.32
CA VAL A 301 -4.71 10.91 21.86
C VAL A 301 -3.37 11.56 21.49
N THR A 302 -3.41 12.60 20.66
CA THR A 302 -2.19 13.27 20.20
C THR A 302 -1.38 13.88 21.34
N GLU A 303 -2.07 14.48 22.31
CA GLU A 303 -1.42 15.02 23.51
C GLU A 303 -0.55 13.95 24.17
N ARG A 304 -1.10 12.74 24.26
CA ARG A 304 -0.45 11.60 24.89
C ARG A 304 0.80 11.17 24.10
N VAL A 305 0.67 11.14 22.77
CA VAL A 305 1.78 10.84 21.86
C VAL A 305 2.89 11.88 22.01
N GLN A 306 2.50 13.16 22.05
CA GLN A 306 3.45 14.24 22.27
C GLN A 306 4.11 14.14 23.65
N LYS A 307 3.35 13.71 24.65
CA LYS A 307 3.88 13.48 26.00
C LYS A 307 4.86 12.32 25.99
N GLU A 308 4.52 11.26 25.27
CA GLU A 308 5.39 10.08 25.16
C GLU A 308 6.68 10.43 24.41
N ILE A 309 6.57 11.35 23.46
CA ILE A 309 7.73 11.88 22.75
C ILE A 309 8.60 12.69 23.70
N GLU A 310 7.99 13.57 24.48
CA GLU A 310 8.73 14.42 25.41
C GLU A 310 9.55 13.62 26.42
N GLN A 311 8.99 12.50 26.88
CA GLN A 311 9.67 11.67 27.88
C GLN A 311 10.83 10.88 27.30
N VAL A 312 10.57 10.18 26.18
CA VAL A 312 11.56 9.28 25.60
C VAL A 312 12.60 10.01 24.72
N ILE A 313 12.12 10.75 23.72
CA ILE A 313 13.01 11.39 22.75
C ILE A 313 13.43 12.78 23.22
N GLY A 314 12.49 13.54 23.79
CA GLY A 314 12.76 14.91 24.20
C GLY A 314 12.48 15.94 23.11
N SER A 315 12.73 17.20 23.37
CA SER A 315 12.44 18.25 22.40
C SER A 315 13.64 18.65 21.58
N HIS A 316 14.69 17.84 21.63
CA HIS A 316 15.96 18.21 21.02
C HIS A 316 16.42 17.37 19.82
N ARG A 317 16.75 16.11 20.09
CA ARG A 317 17.35 15.24 19.09
C ARG A 317 16.24 14.59 18.31
N PRO A 318 16.49 14.26 17.04
CA PRO A 318 15.40 13.73 16.24
C PRO A 318 15.16 12.29 16.58
N PRO A 319 13.98 11.81 16.23
CA PRO A 319 13.57 10.43 16.50
C PRO A 319 14.33 9.41 15.66
N ALA A 320 14.72 8.31 16.28
CA ALA A 320 15.32 7.17 15.59
C ALA A 320 14.38 5.98 15.70
N LEU A 321 14.57 4.97 14.86
CA LEU A 321 13.73 3.77 14.90
C LEU A 321 13.88 3.01 16.22
N ASP A 322 15.07 3.08 16.81
CA ASP A 322 15.33 2.52 18.15
C ASP A 322 14.30 2.95 19.18
N ASP A 323 13.86 4.21 19.10
CA ASP A 323 12.90 4.80 20.04
C ASP A 323 11.54 4.12 20.08
N ARG A 324 11.18 3.36 19.05
CA ARG A 324 9.83 2.80 18.99
C ARG A 324 9.56 1.77 20.09
N ALA A 325 10.50 0.85 20.28
CA ALA A 325 10.36 -0.19 21.30
C ALA A 325 10.09 0.40 22.69
N LYS A 326 10.58 1.62 22.91
CA LYS A 326 10.39 2.34 24.17
C LYS A 326 9.13 3.23 24.19
N MET A 327 8.38 3.22 23.09
CA MET A 327 7.21 4.09 22.95
C MET A 327 5.94 3.30 22.59
N PRO A 328 5.49 2.44 23.52
CA PRO A 328 4.40 1.51 23.19
C PRO A 328 3.09 2.19 22.81
N TYR A 329 2.82 3.38 23.34
CA TYR A 329 1.55 4.05 23.08
C TYR A 329 1.44 4.58 21.65
N THR A 330 2.47 5.29 21.19
CA THR A 330 2.53 5.80 19.83
C THR A 330 2.42 4.66 18.84
N ASP A 331 3.22 3.62 19.07
CA ASP A 331 3.22 2.42 18.25
C ASP A 331 1.83 1.82 18.15
N ALA A 332 1.13 1.75 19.28
CA ALA A 332 -0.26 1.30 19.29
C ALA A 332 -1.20 2.22 18.51
N VAL A 333 -0.98 3.53 18.61
CA VAL A 333 -1.77 4.48 17.81
C VAL A 333 -1.60 4.20 16.32
N ILE A 334 -0.34 4.08 15.90
CA ILE A 334 0.00 3.79 14.51
C ILE A 334 -0.62 2.47 14.06
N HIS A 335 -0.54 1.46 14.92
CA HIS A 335 -1.22 0.19 14.66
C HIS A 335 -2.71 0.40 14.43
N GLU A 336 -3.35 1.17 15.31
CA GLU A 336 -4.78 1.44 15.20
C GLU A 336 -5.12 2.37 14.02
N ILE A 337 -4.21 3.29 13.69
CA ILE A 337 -4.36 4.12 12.50
C ILE A 337 -4.41 3.24 11.24
N GLN A 338 -3.52 2.23 11.20
CA GLN A 338 -3.46 1.31 10.07
C GLN A 338 -4.66 0.39 10.03
N ARG A 339 -5.15 0.03 11.22
CA ARG A 339 -6.29 -0.87 11.33
C ARG A 339 -7.55 -0.23 10.75
N LEU A 340 -7.88 0.98 11.25
CA LEU A 340 -9.03 1.75 10.74
C LEU A 340 -8.84 2.29 9.33
N GLY A 341 -7.60 2.69 9.02
CA GLY A 341 -7.21 3.08 7.68
C GLY A 341 -7.79 2.13 6.64
N ASP A 342 -7.50 0.84 6.77
CA ASP A 342 -8.11 -0.19 5.93
C ASP A 342 -7.94 0.21 4.46
N LEU A 343 -6.73 0.62 4.11
CA LEU A 343 -6.45 1.22 2.81
C LEU A 343 -6.49 0.25 1.64
N ILE A 344 -6.35 -1.05 1.90
CA ILE A 344 -6.53 -2.06 0.86
C ILE A 344 -7.56 -3.08 1.36
N PRO A 345 -8.86 -2.74 1.24
CA PRO A 345 -9.96 -3.40 1.96
C PRO A 345 -10.29 -4.81 1.47
N PHE A 346 -10.05 -5.11 0.20
CA PHE A 346 -10.16 -6.49 -0.26
C PHE A 346 -8.87 -7.00 -0.91
N GLY A 347 -7.79 -6.27 -0.70
CA GLY A 347 -6.45 -6.70 -1.08
C GLY A 347 -6.15 -6.83 -2.57
N VAL A 348 -4.86 -6.83 -2.88
CA VAL A 348 -4.37 -7.18 -4.21
C VAL A 348 -4.73 -8.65 -4.45
N PRO A 349 -5.32 -8.95 -5.62
CA PRO A 349 -5.86 -10.29 -5.83
C PRO A 349 -4.79 -11.37 -5.90
N HIS A 350 -5.18 -12.58 -5.48
CA HIS A 350 -4.35 -13.77 -5.56
C HIS A 350 -4.95 -14.77 -6.54
N THR A 351 -4.17 -15.78 -6.87
CA THR A 351 -4.65 -16.93 -7.62
C THR A 351 -3.96 -18.20 -7.11
N VAL A 352 -4.60 -19.36 -7.30
CA VAL A 352 -4.03 -20.63 -6.83
C VAL A 352 -2.96 -21.18 -7.78
N THR A 353 -1.97 -21.87 -7.22
CA THR A 353 -0.86 -22.44 -8.00
C THR A 353 -1.19 -23.82 -8.58
N LYS A 354 -2.02 -24.56 -7.88
CA LYS A 354 -2.41 -25.85 -8.34
C LYS A 354 -3.86 -25.99 -8.06
N ASP A 355 -4.44 -27.08 -8.51
CA ASP A 355 -5.84 -27.33 -8.19
C ASP A 355 -5.90 -27.52 -6.68
N THR A 356 -6.33 -26.52 -5.94
CA THR A 356 -6.18 -26.58 -4.50
C THR A 356 -7.31 -27.15 -3.66
N GLN A 357 -6.98 -27.89 -2.61
CA GLN A 357 -7.99 -28.42 -1.73
C GLN A 357 -8.17 -27.50 -0.55
N PHE A 358 -9.36 -26.98 -0.41
CA PHE A 358 -9.66 -25.96 0.61
C PHE A 358 -11.04 -26.10 1.22
N ARG A 359 -11.07 -26.31 2.55
CA ARG A 359 -12.30 -26.52 3.32
C ARG A 359 -13.29 -27.48 2.65
N GLY A 360 -12.75 -28.44 1.90
CA GLY A 360 -13.56 -29.44 1.22
C GLY A 360 -13.98 -29.08 -0.19
N TYR A 361 -13.56 -27.89 -0.65
CA TYR A 361 -13.86 -27.45 -2.01
C TYR A 361 -12.64 -27.59 -2.92
N VAL A 362 -12.89 -27.55 -4.23
CA VAL A 362 -11.83 -27.66 -5.22
C VAL A 362 -11.73 -26.35 -6.00
N ILE A 363 -10.73 -25.55 -5.65
CA ILE A 363 -10.38 -24.37 -6.42
C ILE A 363 -9.37 -24.77 -7.48
N PRO A 364 -9.87 -24.81 -8.69
CA PRO A 364 -9.09 -25.24 -9.83
C PRO A 364 -7.90 -24.35 -9.91
N LYS A 365 -6.74 -24.90 -10.22
CA LYS A 365 -5.59 -24.08 -10.44
C LYS A 365 -5.97 -22.85 -11.24
N ASN A 366 -5.33 -21.72 -10.97
CA ASN A 366 -5.57 -20.50 -11.76
C ASN A 366 -6.86 -19.72 -11.47
N THR A 367 -7.56 -20.08 -10.39
CA THR A 367 -8.77 -19.39 -9.97
C THR A 367 -8.42 -18.27 -8.99
N GLU A 368 -8.94 -17.08 -9.26
CA GLU A 368 -8.64 -15.90 -8.45
C GLU A 368 -9.25 -15.95 -7.05
N VAL A 369 -8.48 -15.46 -6.08
CA VAL A 369 -8.88 -15.45 -4.69
C VAL A 369 -8.72 -14.04 -4.15
N PHE A 370 -9.77 -13.54 -3.51
CA PHE A 370 -9.78 -12.19 -2.95
C PHE A 370 -9.75 -12.25 -1.44
N PRO A 371 -8.56 -12.08 -0.85
CA PRO A 371 -8.41 -12.12 0.60
C PRO A 371 -8.85 -10.79 1.16
N VAL A 372 -10.07 -10.71 1.64
CA VAL A 372 -10.65 -9.47 2.06
C VAL A 372 -10.06 -8.93 3.30
N LEU A 373 -9.03 -8.13 3.16
CA LEU A 373 -8.31 -7.64 4.33
C LEU A 373 -9.16 -6.75 5.25
N SER A 374 -10.36 -6.37 4.81
CA SER A 374 -11.19 -5.49 5.65
C SER A 374 -11.88 -6.22 6.82
N SER A 375 -12.35 -7.42 6.53
CA SER A 375 -13.12 -8.30 7.42
C SER A 375 -12.27 -8.76 8.60
N ALA A 376 -10.96 -8.87 8.35
CA ALA A 376 -9.99 -9.24 9.38
C ALA A 376 -9.78 -8.10 10.34
N LEU A 377 -9.65 -6.89 9.80
CA LEU A 377 -9.34 -5.70 10.58
C LEU A 377 -10.55 -5.18 11.36
N HIS A 378 -11.73 -5.66 11.02
CA HIS A 378 -12.94 -5.35 11.80
C HIS A 378 -13.54 -6.59 12.47
N ASP A 379 -12.71 -7.62 12.65
CA ASP A 379 -13.10 -8.89 13.28
C ASP A 379 -13.35 -8.71 14.78
N PRO A 380 -14.62 -8.81 15.22
CA PRO A 380 -14.99 -8.55 16.61
C PRO A 380 -14.39 -9.55 17.61
N ARG A 381 -13.82 -10.64 17.11
CA ARG A 381 -13.11 -11.58 17.96
C ARG A 381 -11.76 -10.99 18.41
N TYR A 382 -11.17 -10.16 17.56
CA TYR A 382 -9.84 -9.64 17.83
C TYR A 382 -9.81 -8.20 18.29
N PHE A 383 -10.87 -7.47 17.96
CA PHE A 383 -10.95 -6.05 18.30
C PHE A 383 -12.27 -5.69 18.98
N GLU A 384 -12.17 -5.24 20.22
CA GLU A 384 -13.32 -4.95 21.06
C GLU A 384 -14.32 -4.02 20.38
N THR A 385 -13.82 -2.88 19.89
CA THR A 385 -14.63 -1.87 19.21
C THR A 385 -14.19 -1.68 17.75
N PRO A 386 -14.64 -2.58 16.85
CA PRO A 386 -14.14 -2.62 15.46
C PRO A 386 -14.38 -1.36 14.62
N ASN A 387 -15.32 -0.50 15.02
CA ASN A 387 -15.65 0.70 14.26
C ASN A 387 -15.38 1.99 15.04
N THR A 388 -14.40 1.94 15.91
CA THR A 388 -14.01 3.10 16.72
C THR A 388 -12.49 3.14 16.83
N PHE A 389 -11.93 4.35 16.78
CA PHE A 389 -10.52 4.51 17.00
C PHE A 389 -10.19 4.14 18.44
N ASN A 390 -9.58 2.97 18.61
CA ASN A 390 -9.23 2.46 19.91
C ASN A 390 -7.80 1.90 19.93
N PRO A 391 -6.84 2.74 20.34
CA PRO A 391 -5.45 2.33 20.53
C PRO A 391 -5.32 1.25 21.59
N GLY A 392 -6.38 1.05 22.29
CA GLY A 392 -6.36 0.06 23.36
C GLY A 392 -6.28 -1.32 22.73
N HIS A 393 -6.94 -1.48 21.59
CA HIS A 393 -6.90 -2.71 20.84
C HIS A 393 -5.55 -3.34 20.71
N PHE A 394 -4.52 -2.54 20.91
CA PHE A 394 -3.11 -2.95 20.79
C PHE A 394 -2.30 -2.71 22.07
N LEU A 395 -2.92 -2.51 23.24
CA LEU A 395 -2.27 -2.27 24.52
C LEU A 395 -2.76 -3.18 25.65
N ASP A 396 -1.83 -3.92 26.25
CA ASP A 396 -2.14 -4.81 27.37
C ASP A 396 -2.28 -4.04 28.69
N ALA A 397 -2.66 -4.73 29.76
CA ALA A 397 -2.93 -4.11 31.05
C ALA A 397 -1.73 -3.33 31.64
N ASN A 398 -0.52 -3.68 31.20
CA ASN A 398 0.68 -2.97 31.64
C ASN A 398 1.07 -1.79 30.74
N GLY A 399 0.20 -1.48 29.78
CA GLY A 399 0.44 -0.40 28.83
C GLY A 399 1.56 -0.68 27.85
N ALA A 400 1.72 -1.95 27.49
CA ALA A 400 2.75 -2.38 26.55
C ALA A 400 2.10 -2.86 25.27
N LEU A 401 2.87 -2.92 24.18
CA LEU A 401 2.34 -3.28 22.88
C LEU A 401 1.98 -4.75 22.85
N LYS A 402 0.81 -5.06 22.30
CA LYS A 402 0.41 -6.45 22.12
C LYS A 402 -0.03 -6.67 20.68
N ARG A 403 0.53 -7.69 20.03
N ARG A 403 0.45 -7.76 20.10
CA ARG A 403 0.17 -8.00 18.65
CA ARG A 403 0.23 -8.25 18.75
C ARG A 403 -1.15 -8.76 18.60
C ARG A 403 -1.17 -8.81 18.61
N ASN A 404 -1.80 -8.68 17.46
CA ASN A 404 -3.13 -9.24 17.27
C ASN A 404 -3.18 -10.03 15.97
N GLU A 405 -3.83 -11.19 15.99
CA GLU A 405 -3.88 -12.07 14.80
C GLU A 405 -4.73 -11.49 13.68
N GLY A 406 -5.65 -10.58 14.03
CA GLY A 406 -6.49 -9.88 13.06
C GLY A 406 -5.81 -8.68 12.40
N PHE A 407 -4.64 -8.31 12.91
CA PHE A 407 -3.88 -7.22 12.36
C PHE A 407 -3.04 -7.70 11.19
N MET A 408 -3.66 -7.75 10.01
CA MET A 408 -2.97 -8.14 8.77
C MET A 408 -3.08 -7.08 7.64
N PRO A 409 -2.70 -5.83 7.91
CA PRO A 409 -2.92 -4.81 6.88
C PRO A 409 -1.95 -4.92 5.71
N PHE A 410 -0.86 -5.67 5.91
CA PHE A 410 0.12 -5.95 4.87
C PHE A 410 -0.09 -7.34 4.30
N SER A 411 -1.29 -7.90 4.53
CA SER A 411 -1.64 -9.24 4.09
C SER A 411 -0.78 -10.31 4.81
N LEU A 412 -0.76 -11.53 4.28
CA LEU A 412 -0.08 -12.66 4.92
C LEU A 412 0.51 -13.67 3.95
N GLY A 413 1.58 -14.33 4.38
CA GLY A 413 2.08 -15.50 3.66
C GLY A 413 3.23 -15.22 2.73
N LYS A 414 3.23 -15.91 1.60
CA LYS A 414 4.32 -15.79 0.65
C LYS A 414 4.28 -14.48 -0.12
N ARG A 415 3.08 -13.92 -0.28
CA ARG A 415 2.90 -12.66 -0.99
C ARG A 415 2.99 -11.43 -0.08
N ILE A 416 3.24 -11.64 1.21
CA ILE A 416 3.31 -10.57 2.22
C ILE A 416 4.02 -9.32 1.70
N CYS A 417 3.47 -8.14 2.02
CA CYS A 417 4.06 -6.88 1.60
C CYS A 417 5.57 -6.86 1.80
N LEU A 418 6.29 -6.69 0.70
CA LEU A 418 7.74 -6.73 0.68
C LEU A 418 8.37 -5.55 1.42
N GLY A 419 7.61 -4.46 1.54
CA GLY A 419 8.12 -3.22 2.12
C GLY A 419 7.67 -2.96 3.55
N GLU A 420 7.02 -3.95 4.17
CA GLU A 420 6.53 -3.83 5.54
C GLU A 420 7.53 -3.14 6.46
N GLY A 421 8.77 -3.65 6.47
CA GLY A 421 9.85 -3.04 7.25
C GLY A 421 9.93 -1.55 6.99
N ILE A 422 10.03 -1.19 5.71
CA ILE A 422 10.22 0.19 5.28
C ILE A 422 9.00 1.05 5.58
N ALA A 423 7.81 0.50 5.35
CA ALA A 423 6.55 1.19 5.58
C ALA A 423 6.36 1.63 7.03
N ARG A 424 6.54 0.67 7.95
CA ARG A 424 6.40 0.94 9.38
C ARG A 424 7.47 1.91 9.87
N THR A 425 8.68 1.79 9.33
CA THR A 425 9.76 2.70 9.68
C THR A 425 9.38 4.13 9.31
N GLU A 426 8.70 4.27 8.18
CA GLU A 426 8.27 5.58 7.69
C GLU A 426 7.19 6.15 8.57
N LEU A 427 6.10 5.40 8.74
CA LEU A 427 5.02 5.81 9.62
C LEU A 427 5.54 6.30 10.97
N PHE A 428 6.38 5.51 11.62
CA PHE A 428 6.84 5.89 12.95
C PHE A 428 7.69 7.17 12.93
N LEU A 429 8.67 7.20 12.04
CA LEU A 429 9.61 8.33 11.98
C LEU A 429 8.93 9.61 11.51
N PHE A 430 8.00 9.48 10.56
CA PHE A 430 7.26 10.65 10.09
C PHE A 430 6.32 11.20 11.14
N PHE A 431 5.54 10.33 11.79
CA PHE A 431 4.61 10.76 12.83
C PHE A 431 5.33 11.45 14.00
N THR A 432 6.31 10.78 14.56
CA THR A 432 7.00 11.28 15.74
C THR A 432 7.81 12.54 15.44
N THR A 433 8.30 12.67 14.21
CA THR A 433 9.11 13.84 13.84
C THR A 433 8.25 15.08 13.63
N ILE A 434 7.14 14.91 12.90
CA ILE A 434 6.18 16.00 12.72
C ILE A 434 5.65 16.45 14.07
N LEU A 435 5.11 15.51 14.84
CA LEU A 435 4.44 15.80 16.10
C LEU A 435 5.36 16.31 17.19
N GLN A 436 6.65 15.97 17.11
CA GLN A 436 7.64 16.53 18.02
C GLN A 436 7.80 18.03 17.77
N ASN A 437 7.57 18.44 16.54
CA ASN A 437 7.88 19.80 16.09
C ASN A 437 6.68 20.70 15.91
N PHE A 438 5.50 20.10 15.69
CA PHE A 438 4.29 20.86 15.42
C PHE A 438 3.09 20.31 16.16
N SER A 439 2.34 21.21 16.81
CA SER A 439 1.00 20.88 17.28
C SER A 439 0.08 21.04 16.09
N ILE A 440 -1.12 20.48 16.16
CA ILE A 440 -2.02 20.55 15.01
C ILE A 440 -3.36 21.17 15.37
N ALA A 441 -3.96 21.81 14.37
CA ALA A 441 -5.28 22.43 14.50
C ALA A 441 -5.90 22.55 13.11
N SER A 442 -7.22 22.77 13.05
CA SER A 442 -7.94 22.93 11.77
C SER A 442 -9.23 23.75 11.93
N PRO A 443 -9.79 24.27 10.82
CA PRO A 443 -11.08 25.00 10.88
C PRO A 443 -12.25 24.18 11.44
N VAL A 444 -12.26 22.87 11.19
CA VAL A 444 -13.36 21.99 11.61
C VAL A 444 -13.14 21.50 13.05
N PRO A 445 -14.16 21.67 13.91
CA PRO A 445 -14.09 21.15 15.29
C PRO A 445 -13.99 19.62 15.33
N PRO A 446 -13.38 19.05 16.39
CA PRO A 446 -13.18 17.60 16.43
C PRO A 446 -14.49 16.82 16.30
N GLU A 447 -15.53 17.28 17.01
CA GLU A 447 -16.84 16.62 17.00
C GLU A 447 -17.53 16.65 15.64
N ASP A 448 -17.08 17.52 14.75
CA ASP A 448 -17.68 17.65 13.43
C ASP A 448 -16.87 17.03 12.29
N ILE A 449 -15.88 16.21 12.64
CA ILE A 449 -15.07 15.53 11.60
C ILE A 449 -15.64 14.16 11.24
N ASP A 450 -15.80 13.92 9.94
CA ASP A 450 -16.33 12.67 9.42
C ASP A 450 -15.27 11.95 8.57
N LEU A 451 -15.08 10.67 8.84
CA LEU A 451 -13.92 9.91 8.32
C LEU A 451 -14.24 9.00 7.12
N THR A 452 -15.51 8.64 6.97
CA THR A 452 -15.97 7.69 5.95
C THR A 452 -15.78 8.19 4.51
N PRO A 453 -15.02 7.44 3.68
CA PRO A 453 -14.68 7.82 2.31
C PRO A 453 -15.76 7.44 1.30
N SER A 456 -14.69 5.29 -4.16
CA SER A 456 -13.48 4.51 -3.94
C SER A 456 -13.71 3.01 -4.17
N GLY A 457 -12.60 2.26 -4.28
CA GLY A 457 -12.65 0.82 -4.54
C GLY A 457 -11.42 0.08 -4.07
N VAL A 458 -10.66 -0.47 -5.03
CA VAL A 458 -9.48 -1.30 -4.73
C VAL A 458 -8.62 -0.72 -3.61
N GLY A 459 -8.49 0.61 -3.62
CA GLY A 459 -7.86 1.33 -2.53
C GLY A 459 -8.85 2.29 -1.90
N ASN A 460 -8.83 2.39 -0.58
CA ASN A 460 -9.58 3.42 0.11
C ASN A 460 -8.89 4.78 -0.02
N VAL A 461 -9.69 5.84 -0.06
CA VAL A 461 -9.19 7.21 -0.06
C VAL A 461 -10.12 8.10 0.77
N PRO A 462 -9.70 8.45 1.99
CA PRO A 462 -10.47 9.28 2.93
C PRO A 462 -10.62 10.73 2.44
N PRO A 463 -11.64 11.45 2.94
CA PRO A 463 -11.89 12.82 2.47
C PRO A 463 -10.67 13.73 2.59
N SER A 464 -10.52 14.65 1.63
CA SER A 464 -9.47 15.66 1.69
C SER A 464 -9.83 16.69 2.75
N TYR A 465 -8.83 17.12 3.52
CA TYR A 465 -9.07 18.04 4.62
C TYR A 465 -8.00 19.11 4.68
N GLN A 466 -8.22 20.13 5.49
CA GLN A 466 -7.24 21.20 5.69
C GLN A 466 -6.73 21.22 7.11
N ILE A 467 -5.42 21.48 7.26
CA ILE A 467 -4.74 21.38 8.54
C ILE A 467 -3.66 22.47 8.74
N ARG A 468 -3.52 22.92 9.99
CA ARG A 468 -2.46 23.83 10.38
C ARG A 468 -1.38 23.08 11.15
N PHE A 469 -0.13 23.24 10.74
CA PHE A 469 1.01 22.68 11.46
C PHE A 469 1.68 23.77 12.28
N LEU A 470 1.16 24.01 13.46
CA LEU A 470 1.65 25.06 14.35
C LEU A 470 2.96 24.65 14.98
N ALA A 471 3.98 25.51 14.86
CA ALA A 471 5.30 25.24 15.40
C ALA A 471 5.29 25.26 16.93
N ARG A 472 6.26 24.59 17.53
CA ARG A 472 6.40 24.51 18.98
C ARG A 472 7.81 24.91 19.40
N HIS A 473 7.91 25.92 20.27
CA HIS A 473 9.20 26.32 20.83
C HIS A 473 9.07 27.29 22.01
CHA HEM B . 2.10 -5.79 -1.53
CHB HEM B . 0.17 -3.09 2.00
CHC HEM B . 3.95 -0.10 1.74
CHD HEM B . 6.13 -3.08 -1.42
C1A HEM B . 1.25 -5.31 -0.57
C2A HEM B . -0.03 -5.87 -0.23
C3A HEM B . -0.57 -5.13 0.74
C4A HEM B . 0.36 -4.07 1.05
CMA HEM B . -1.94 -5.36 1.42
CAA HEM B . -0.69 -7.11 -0.87
CBA HEM B . 0.03 -8.39 -0.49
CGA HEM B . -0.72 -9.52 -1.14
O1A HEM B . -0.21 -10.07 -2.14
O2A HEM B . -1.85 -9.84 -0.69
C1B HEM B . 1.00 -2.03 2.22
C2B HEM B . 0.74 -0.90 3.13
C3B HEM B . 1.79 -0.08 3.05
C4B HEM B . 2.74 -0.64 2.11
CMB HEM B . -0.52 -0.72 4.01
CAB HEM B . 1.97 1.24 3.83
CBB HEM B . 2.07 1.21 5.16
C1C HEM B . 4.89 -0.67 0.90
C2C HEM B . 6.22 -0.18 0.67
C3C HEM B . 6.82 -1.00 -0.20
C4C HEM B . 5.87 -2.05 -0.55
CMC HEM B . 6.83 1.09 1.35
CAC HEM B . 8.25 -0.95 -0.79
CBC HEM B . 8.94 0.19 -0.88
C1D HEM B . 5.24 -4.04 -1.83
C2D HEM B . 5.43 -4.96 -2.93
C3D HEM B . 4.15 -5.81 -2.97
C4D HEM B . 3.34 -5.31 -1.88
CMD HEM B . 6.64 -5.08 -3.89
CAD HEM B . 3.83 -6.96 -3.95
CBD HEM B . 4.27 -8.25 -3.28
CGD HEM B . 4.34 -9.40 -4.25
O1D HEM B . 5.40 -10.09 -4.26
O2D HEM B . 3.36 -9.65 -4.99
NA HEM B . 1.47 -4.21 0.24
NB HEM B . 2.23 -1.82 1.62
NC HEM B . 4.71 -1.82 0.14
ND HEM B . 4.01 -4.28 -1.23
FE HEM B . 3.11 -2.98 0.16
C13 CM5 C . 18.50 -1.72 -24.15
C18 CM5 C . 19.13 -0.52 -24.85
O22 CM5 C . 20.27 -0.07 -24.12
C17 CM5 C . 18.07 0.67 -24.67
O21 CM5 C . 18.54 1.91 -24.56
O14 CM5 C . 17.27 -2.10 -24.81
C15 CM5 C . 16.21 -1.10 -24.71
C19 CM5 C . 15.46 -1.05 -26.05
O20 CM5 C . 14.39 -1.99 -26.03
C16 CM5 C . 16.63 0.35 -25.05
O23 CM5 C . 15.79 1.33 -24.55
C7 CM5 D . -21.54 -2.15 -8.96
C8 CM5 D . -20.26 -2.70 -8.32
C9 CM5 D . -19.25 -3.12 -9.40
C10 CM5 D . -19.82 -2.93 -10.81
C11 CM5 D . -21.18 -3.64 -10.98
C6 CM5 D . -22.18 -3.20 -9.89
C5 CM5 D . -23.48 -2.68 -10.55
C4 CM5 D . -24.63 -2.55 -9.52
C3 CM5 D . -25.40 -3.88 -9.38
C2 CM5 D . -26.92 -3.65 -9.47
C1 CM5 D . -27.54 -3.73 -8.07
O12 CM5 D . -28.80 -4.41 -8.15
C7 CM5 E . 7.93 9.07 -10.72
C8 CM5 E . 6.46 8.73 -10.37
C9 CM5 E . 6.18 8.84 -8.86
C10 CM5 E . 6.44 10.26 -8.34
C11 CM5 E . 7.70 10.91 -8.95
C6 CM5 E . 8.63 9.84 -9.58
C5 CM5 E . 10.00 10.44 -10.06
C4 CM5 E . 9.87 11.66 -11.02
C3 CM5 E . 11.06 12.62 -10.79
C2 CM5 E . 11.35 13.49 -12.04
C1 CM5 E . 12.58 13.58 -12.82
O12 CM5 E . 13.16 13.34 -14.06
C13 CM5 E . 13.96 14.36 -14.31
C18 CM5 E . 15.39 13.74 -14.21
O22 CM5 E . 15.54 12.94 -13.01
C17 CM5 E . 16.31 14.89 -13.59
O21 CM5 E . 17.59 14.45 -13.40
O14 CM5 E . 13.96 15.50 -15.23
C15 CM5 E . 14.78 16.65 -14.82
C19 CM5 E . 15.13 17.41 -16.12
O20 CM5 E . 14.39 18.63 -16.16
C16 CM5 E . 16.16 16.16 -14.36
O23 CM5 E . 17.13 17.23 -13.90
C24 CM5 E . 17.86 17.67 -15.11
O25 CM5 E . 17.43 19.05 -15.39
C26 CM5 E . 18.30 19.84 -16.25
C30 CM5 E . 18.13 19.86 -17.57
O31 CM5 E . 17.25 20.78 -17.96
C27 CM5 E . 19.70 20.02 -15.64
O32 CM5 E . 20.44 21.27 -15.79
C28 CM5 E . 19.99 18.97 -14.55
O33 CM5 E . 21.41 18.83 -14.36
C29 CM5 E . 19.39 17.58 -14.88
O34 CM5 E . 20.12 16.54 -14.10
C CGE F . -0.17 -2.09 -5.15
N CGE F . -0.89 -0.62 -7.07
O CGE F . 0.81 -1.61 -4.60
CL1 CGE F . -2.53 0.21 -3.38
CA CGE F . -1.23 -1.18 -5.72
CAA CGE F . 0.54 -4.32 -4.50
CAD CGE F . -5.37 -2.17 -4.90
CAE CGE F . -4.70 -2.77 -5.97
CAF CGE F . -0.02 3.35 -9.87
CAG CGE F . -4.67 -1.25 -4.12
CAH CGE F . -3.37 -2.46 -6.24
CAI CGE F . -0.30 2.86 -8.48
CAJ CGE F . -1.23 -0.61 -9.59
CAK CGE F . -1.62 -1.21 -8.24
CAL CGE F . -1.07 0.86 -7.08
OAM CGE F . -0.28 -3.41 -5.26
SAN CGE F . -0.43 1.84 -10.79
CAP CGE F . -3.34 -0.95 -4.40
CAQ CGE F . -0.72 1.47 -8.41
CAR CGE F . -0.87 0.79 -9.47
CAS CGE F . -2.67 -1.54 -5.46
S SO4 G . -17.96 -0.03 17.83
O1 SO4 G . -16.82 -0.59 17.18
O2 SO4 G . -17.61 1.25 18.37
O3 SO4 G . -19.06 0.06 16.93
O4 SO4 G . -18.38 -0.84 18.94
#